data_5X8M
#
_entry.id   5X8M
#
_cell.length_a   39.950
_cell.length_b   97.395
_cell.length_c   153.564
_cell.angle_alpha   90.00
_cell.angle_beta   90.00
_cell.angle_gamma   90.00
#
_symmetry.space_group_name_H-M   'P 21 21 21'
#
loop_
_entity.id
_entity.type
_entity.pdbx_description
1 polymer 'Programmed cell death 1 ligand 1'
2 polymer 'durvalumab heavy chain'
3 polymer 'durvalumab light chain'
4 water water
#
loop_
_entity_poly.entity_id
_entity_poly.type
_entity_poly.pdbx_seq_one_letter_code
_entity_poly.pdbx_strand_id
1 'polypeptide(L)'
;AFTVTVPKDLYVVEYGSNMTIECKFPVEKELDLAALIVYWEMEDKNIIQFVHGEEDLKVQHSSYRQRARLLKDQLSLGNA
ALQITDVKLQDAGVYRCMISYGGADYKRITVKVNAPYHHHHHH
;
A
2 'polypeptide(L)'
;EVQLVESGGGLVQPGGSLRLSCAASGFTFSRYWMSWVRQAPGKGLEWVANIKQDGSEKYYVDSVKGRFTISRDNAKNSLY
LQMNSLRAEDTAVYYCAREGGWFGELAFDYWGQGTLVTVSSASTKGPSVFPLAPSSKSTSGGTAALGCLVKDYFPEPVTV
SWNSGALTSGVHTFPAVLQSSGLYSLSSVVTVPSSSLGTQTYICNVNHKPSNTKVDKKVEPKSCDKTHTHHHHHH
;
B
3 'polypeptide(L)'
;EIVLTQSPGTLSLSPGERATLSCRASQRVSSSYLAWYQQKPGQAPRLLIYDASSRATGIPDRFSGSGSGTDFTLTISRLE
PEDFAVYYCQQYGSLPWTFGQGTKVEIKRTVAAPSVFIFPPSDEQLKSGTASVVCLLNNFYPREAKVQWKVDNALQSGNS
QESVTEQDSKDSTYSLSSTLTLSKADYEKHKVYACEVTHQGLSSPVTKSFNRGEC
;
C
#
# COMPACT_ATOMS: atom_id res chain seq x y z
N ALA A 1 -4.14 16.40 18.83
CA ALA A 1 -4.86 17.18 19.81
C ALA A 1 -5.00 18.62 19.35
N PHE A 2 -3.91 19.22 18.86
CA PHE A 2 -4.04 20.53 18.21
C PHE A 2 -4.65 20.36 16.82
N THR A 3 -5.79 21.00 16.63
CA THR A 3 -6.59 20.83 15.43
C THR A 3 -7.18 22.16 14.95
N VAL A 4 -6.96 22.47 13.68
CA VAL A 4 -7.66 23.56 13.04
C VAL A 4 -8.99 23.02 12.55
N THR A 5 -10.05 23.77 12.81
CA THR A 5 -11.40 23.36 12.40
C THR A 5 -12.06 24.38 11.52
N VAL A 6 -13.11 23.95 10.83
CA VAL A 6 -13.88 24.86 10.02
C VAL A 6 -15.37 24.64 10.31
N PRO A 7 -16.02 25.68 10.86
CA PRO A 7 -17.47 25.69 11.04
C PRO A 7 -18.15 25.36 9.71
N LYS A 8 -17.76 26.10 8.67
CA LYS A 8 -18.23 25.77 7.34
C LYS A 8 -17.06 25.40 6.45
N ASP A 9 -17.20 24.30 5.71
CA ASP A 9 -16.19 23.92 4.74
C ASP A 9 -16.62 24.37 3.36
N LEU A 10 -17.80 24.98 3.28
CA LEU A 10 -18.33 25.48 2.01
C LEU A 10 -19.07 26.79 2.18
N TYR A 11 -18.68 27.78 1.39
CA TYR A 11 -19.36 29.07 1.38
C TYR A 11 -19.96 29.36 0.01
N VAL A 12 -21.21 29.85 -0.01
CA VAL A 12 -21.88 30.28 -1.24
C VAL A 12 -22.25 31.76 -1.11
N VAL A 13 -21.62 32.61 -1.91
CA VAL A 13 -21.85 34.04 -1.75
C VAL A 13 -22.25 34.75 -3.04
N GLU A 14 -22.90 35.89 -2.88
CA GLU A 14 -23.31 36.69 -4.03
C GLU A 14 -22.14 37.53 -4.48
N TYR A 15 -22.02 37.65 -5.79
CA TYR A 15 -21.07 38.57 -6.39
C TYR A 15 -21.23 39.98 -5.80
N GLY A 16 -20.11 40.62 -5.51
CA GLY A 16 -20.13 42.00 -5.03
C GLY A 16 -20.38 42.18 -3.54
N SER A 17 -20.67 41.12 -2.81
CA SER A 17 -20.91 41.26 -1.39
C SER A 17 -19.63 41.04 -0.62
N ASN A 18 -19.75 41.11 0.70
CA ASN A 18 -18.65 40.82 1.59
C ASN A 18 -18.76 39.40 2.15
N MET A 19 -17.63 38.83 2.54
CA MET A 19 -17.60 37.48 3.10
C MET A 19 -16.50 37.38 4.16
N THR A 20 -16.77 36.58 5.17
CA THR A 20 -15.80 36.31 6.21
C THR A 20 -15.70 34.82 6.44
N ILE A 21 -14.61 34.21 6.00
CA ILE A 21 -14.45 32.78 6.24
C ILE A 21 -13.62 32.54 7.51
N GLU A 22 -13.89 31.44 8.21
CA GLU A 22 -13.31 31.23 9.53
C GLU A 22 -12.54 29.93 9.65
N CYS A 23 -11.37 30.02 10.27
CA CYS A 23 -10.65 28.86 10.78
C CYS A 23 -10.60 28.99 12.28
N LYS A 24 -10.89 27.91 12.99
CA LYS A 24 -10.82 27.95 14.44
C LYS A 24 -9.67 27.10 14.95
N PHE A 25 -9.08 27.54 16.05
CA PHE A 25 -7.97 26.84 16.68
C PHE A 25 -8.04 27.07 18.19
N PRO A 26 -7.65 26.08 18.99
CA PRO A 26 -7.80 26.14 20.46
C PRO A 26 -6.89 27.17 21.16
N VAL A 27 -7.52 28.06 21.93
CA VAL A 27 -6.80 29.03 22.76
C VAL A 27 -7.27 28.94 24.21
N GLU A 28 -6.35 28.66 25.13
CA GLU A 28 -6.68 28.71 26.55
C GLU A 28 -6.21 30.04 27.15
N LYS A 29 -7.08 30.64 27.97
CA LYS A 29 -6.92 32.00 28.49
C LYS A 29 -6.30 32.94 27.46
N GLU A 30 -5.23 33.66 27.81
CA GLU A 30 -4.76 34.73 26.94
C GLU A 30 -3.77 34.30 25.83
N LEU A 31 -3.99 34.85 24.65
CA LEU A 31 -3.28 34.50 23.43
C LEU A 31 -1.94 35.25 23.29
N ASP A 32 -0.84 34.49 23.20
CA ASP A 32 0.49 35.04 23.05
C ASP A 32 0.88 35.14 21.56
N LEU A 33 0.95 36.36 21.06
CA LEU A 33 1.15 36.59 19.62
C LEU A 33 2.50 36.11 19.10
N ALA A 34 3.51 36.05 19.95
CA ALA A 34 4.84 35.68 19.47
C ALA A 34 4.90 34.24 18.98
N ALA A 35 4.04 33.41 19.56
CA ALA A 35 4.02 31.98 19.28
C ALA A 35 3.14 31.64 18.08
N LEU A 36 2.46 32.65 17.52
CA LEU A 36 1.35 32.43 16.60
C LEU A 36 1.69 32.76 15.15
N ILE A 37 1.39 31.82 14.25
CA ILE A 37 1.48 32.06 12.81
C ILE A 37 0.14 31.73 12.11
N VAL A 38 -0.33 32.65 11.26
CA VAL A 38 -1.52 32.38 10.45
C VAL A 38 -1.26 32.61 8.97
N TYR A 39 -1.54 31.59 8.15
CA TYR A 39 -1.51 31.76 6.69
C TYR A 39 -2.90 31.55 6.11
N TRP A 40 -3.32 32.46 5.25
CA TRP A 40 -4.43 32.23 4.34
C TRP A 40 -3.92 32.22 2.91
N GLU A 41 -4.23 31.18 2.16
CA GLU A 41 -3.82 31.14 0.75
C GLU A 41 -5.02 30.78 -0.14
N MET A 42 -4.94 31.22 -1.39
CA MET A 42 -5.95 30.95 -2.39
C MET A 42 -5.19 30.59 -3.66
N GLU A 43 -5.41 29.40 -4.19
CA GLU A 43 -4.61 28.93 -5.33
C GLU A 43 -3.11 29.05 -4.99
N ASP A 44 -2.34 29.69 -5.86
CA ASP A 44 -0.92 29.90 -5.58
C ASP A 44 -0.62 31.30 -5.06
N LYS A 45 -1.65 32.04 -4.68
CA LYS A 45 -1.44 33.38 -4.14
C LYS A 45 -1.48 33.36 -2.61
N ASN A 46 -0.76 34.29 -1.99
CA ASN A 46 -0.83 34.45 -0.55
C ASN A 46 -1.74 35.62 -0.19
N ILE A 47 -2.74 35.39 0.64
CA ILE A 47 -3.63 36.45 1.08
C ILE A 47 -3.14 37.07 2.39
N ILE A 48 -2.88 36.20 3.37
CA ILE A 48 -2.53 36.66 4.70
C ILE A 48 -1.33 35.90 5.22
N GLN A 49 -0.31 36.63 5.68
CA GLN A 49 0.78 36.02 6.41
C GLN A 49 0.99 36.78 7.70
N PHE A 50 0.44 36.24 8.79
CA PHE A 50 0.43 36.93 10.07
C PHE A 50 1.51 36.36 11.00
N VAL A 51 2.57 37.13 11.21
CA VAL A 51 3.65 36.70 12.08
C VAL A 51 4.01 37.84 13.02
N HIS A 52 4.27 37.50 14.28
CA HIS A 52 4.74 38.48 15.25
C HIS A 52 3.77 39.65 15.49
N GLY A 53 2.47 39.35 15.51
CA GLY A 53 1.43 40.34 15.76
C GLY A 53 1.10 41.23 14.57
N GLU A 54 1.69 40.92 13.42
CA GLU A 54 1.66 41.83 12.28
C GLU A 54 1.41 41.11 10.96
N GLU A 55 0.56 41.69 10.11
CA GLU A 55 0.41 41.12 8.79
C GLU A 55 1.53 41.66 7.92
N ASP A 56 2.09 40.79 7.08
CA ASP A 56 3.25 41.11 6.27
C ASP A 56 2.81 41.41 4.84
N LEU A 57 2.69 42.69 4.50
CA LEU A 57 2.09 43.06 3.21
C LEU A 57 3.04 42.91 2.03
N LYS A 58 4.34 42.74 2.28
CA LYS A 58 5.26 42.63 1.16
C LYS A 58 5.18 41.24 0.53
N VAL A 59 4.67 40.28 1.29
CA VAL A 59 4.47 38.93 0.79
C VAL A 59 3.07 38.79 0.19
N GLN A 60 2.19 39.74 0.51
CA GLN A 60 0.81 39.62 0.09
C GLN A 60 0.66 39.84 -1.42
N HIS A 61 -0.09 38.96 -2.08
CA HIS A 61 -0.44 39.14 -3.48
C HIS A 61 -1.18 40.47 -3.63
N SER A 62 -0.91 41.19 -4.74
CA SER A 62 -1.46 42.54 -4.98
C SER A 62 -2.91 42.54 -5.45
N SER A 63 -3.39 41.36 -5.86
CA SER A 63 -4.82 41.19 -6.11
C SER A 63 -5.66 41.54 -4.87
N TYR A 64 -5.02 41.37 -3.72
CA TYR A 64 -5.73 41.36 -2.46
C TYR A 64 -5.48 42.60 -1.66
N ARG A 65 -4.61 43.45 -2.18
CA ARG A 65 -4.44 44.76 -1.59
C ARG A 65 -5.79 45.45 -1.51
N GLN A 66 -6.06 46.04 -0.34
CA GLN A 66 -7.28 46.83 -0.07
C GLN A 66 -8.55 45.99 0.22
N ARG A 67 -8.60 44.73 -0.22
CA ARG A 67 -9.83 43.95 0.01
C ARG A 67 -9.74 42.83 1.03
N ALA A 68 -8.55 42.56 1.56
CA ALA A 68 -8.40 41.40 2.44
C ALA A 68 -7.87 41.77 3.82
N ARG A 69 -8.56 41.29 4.86
CA ARG A 69 -8.19 41.59 6.24
C ARG A 69 -8.36 40.41 7.17
N LEU A 70 -7.31 40.10 7.93
CA LEU A 70 -7.45 39.22 9.06
C LEU A 70 -8.01 40.05 10.21
N LEU A 71 -9.10 39.58 10.79
CA LEU A 71 -9.79 40.28 11.87
C LEU A 71 -9.08 40.00 13.19
N LYS A 72 -8.39 41.01 13.73
CA LYS A 72 -7.44 40.80 14.81
C LYS A 72 -8.11 40.44 16.15
N ASP A 73 -9.22 41.10 16.48
CA ASP A 73 -9.86 40.88 17.77
C ASP A 73 -10.48 39.48 17.88
N GLN A 74 -10.85 38.91 16.74
CA GLN A 74 -11.33 37.53 16.69
C GLN A 74 -10.28 36.46 17.05
N LEU A 75 -9.00 36.85 17.03
CA LEU A 75 -7.92 35.91 17.26
C LEU A 75 -7.85 35.42 18.70
N SER A 76 -8.17 36.30 19.65
CA SER A 76 -8.17 35.97 21.08
C SER A 76 -9.13 34.82 21.37
N LEU A 77 -10.12 34.68 20.50
CA LEU A 77 -11.19 33.71 20.67
C LEU A 77 -10.90 32.43 19.90
N GLY A 78 -9.67 32.33 19.38
CA GLY A 78 -9.25 31.17 18.63
C GLY A 78 -9.95 31.07 17.30
N ASN A 79 -10.15 32.23 16.68
CA ASN A 79 -10.85 32.30 15.43
C ASN A 79 -10.07 33.16 14.43
N ALA A 80 -9.47 32.51 13.45
CA ALA A 80 -8.77 33.22 12.39
C ALA A 80 -9.77 33.55 11.27
N ALA A 81 -10.34 34.74 11.35
CA ALA A 81 -11.36 35.14 10.40
C ALA A 81 -10.78 35.97 9.28
N LEU A 82 -11.11 35.62 8.04
CA LEU A 82 -10.66 36.36 6.87
C LEU A 82 -11.82 37.07 6.22
N GLN A 83 -11.78 38.39 6.26
CA GLN A 83 -12.81 39.23 5.65
C GLN A 83 -12.30 39.66 4.28
N ILE A 84 -13.07 39.35 3.25
CA ILE A 84 -12.77 39.80 1.91
C ILE A 84 -13.93 40.64 1.40
N THR A 85 -13.64 41.85 0.96
CA THR A 85 -14.69 42.77 0.58
C THR A 85 -14.84 42.88 -0.92
N ASP A 86 -16.08 43.17 -1.36
CA ASP A 86 -16.41 43.26 -2.78
C ASP A 86 -15.98 41.97 -3.49
N VAL A 87 -16.71 40.90 -3.21
CA VAL A 87 -16.35 39.57 -3.71
C VAL A 87 -16.59 39.44 -5.22
N LYS A 88 -15.55 39.06 -5.95
CA LYS A 88 -15.66 38.88 -7.40
C LYS A 88 -15.68 37.40 -7.77
N LEU A 89 -16.04 37.10 -9.01
CA LEU A 89 -16.13 35.72 -9.45
C LEU A 89 -14.78 35.00 -9.34
N GLN A 90 -13.69 35.73 -9.49
CA GLN A 90 -12.34 35.16 -9.39
C GLN A 90 -12.03 34.68 -7.97
N ASP A 91 -12.79 35.15 -6.99
CA ASP A 91 -12.61 34.73 -5.60
C ASP A 91 -13.09 33.28 -5.34
N ALA A 92 -13.84 32.72 -6.29
CA ALA A 92 -14.30 31.35 -6.17
C ALA A 92 -13.17 30.35 -6.28
N GLY A 93 -13.25 29.30 -5.46
CA GLY A 93 -12.19 28.32 -5.45
C GLY A 93 -11.88 27.82 -4.05
N VAL A 94 -10.76 27.12 -3.94
CA VAL A 94 -10.37 26.49 -2.68
C VAL A 94 -9.39 27.38 -1.92
N TYR A 95 -9.71 27.62 -0.65
CA TYR A 95 -8.83 28.42 0.19
C TYR A 95 -8.10 27.53 1.20
N ARG A 96 -6.93 27.99 1.64
CA ARG A 96 -6.22 27.25 2.68
C ARG A 96 -5.93 28.10 3.91
N CYS A 97 -6.19 27.52 5.07
CA CYS A 97 -5.98 28.12 6.39
C CYS A 97 -4.91 27.35 7.16
N MET A 98 -3.74 27.93 7.39
CA MET A 98 -2.72 27.30 8.25
C MET A 98 -2.56 28.07 9.54
N ILE A 99 -2.63 27.36 10.67
CA ILE A 99 -2.41 28.00 11.98
C ILE A 99 -1.44 27.23 12.88
N SER A 100 -0.42 27.95 13.35
CA SER A 100 0.57 27.39 14.24
C SER A 100 0.58 28.14 15.59
N TYR A 101 0.23 27.41 16.64
CA TYR A 101 0.20 27.94 17.99
C TYR A 101 0.60 26.85 18.96
N GLY A 102 1.90 26.59 19.06
CA GLY A 102 2.40 25.41 19.77
C GLY A 102 2.49 24.22 18.83
N GLY A 103 1.33 23.60 18.58
CA GLY A 103 1.21 22.63 17.49
C GLY A 103 0.75 23.35 16.22
N ALA A 104 0.56 22.61 15.14
CA ALA A 104 0.21 23.25 13.88
C ALA A 104 -0.62 22.33 13.00
N ASP A 105 -1.52 22.93 12.24
CA ASP A 105 -2.48 22.21 11.43
C ASP A 105 -2.98 23.12 10.29
N TYR A 106 -3.70 22.56 9.33
CA TYR A 106 -4.36 23.35 8.32
C TYR A 106 -5.61 22.69 7.80
N LYS A 107 -6.46 23.50 7.18
CA LYS A 107 -7.70 23.04 6.59
C LYS A 107 -7.94 23.74 5.26
N ARG A 108 -8.87 23.21 4.49
CA ARG A 108 -9.26 23.85 3.25
C ARG A 108 -10.73 24.27 3.29
N ILE A 109 -11.02 25.37 2.60
CA ILE A 109 -12.39 25.84 2.50
C ILE A 109 -12.73 26.16 1.04
N THR A 110 -13.93 25.77 0.63
CA THR A 110 -14.39 26.06 -0.72
C THR A 110 -15.32 27.26 -0.71
N VAL A 111 -15.04 28.22 -1.60
CA VAL A 111 -15.93 29.35 -1.81
C VAL A 111 -16.56 29.29 -3.20
N LYS A 112 -17.88 29.40 -3.23
CA LYS A 112 -18.66 29.41 -4.47
C LYS A 112 -19.35 30.78 -4.63
N VAL A 113 -19.32 31.31 -5.85
CA VAL A 113 -19.88 32.64 -6.12
C VAL A 113 -20.93 32.63 -7.23
N ASN A 114 -22.15 33.02 -6.85
CA ASN A 114 -23.23 33.18 -7.83
C ASN A 114 -23.09 34.51 -8.55
N ALA A 115 -23.40 34.55 -9.85
CA ALA A 115 -23.12 35.74 -10.63
C ALA A 115 -24.16 36.90 -10.52
N PRO A 116 -25.44 36.70 -10.88
CA PRO A 116 -26.28 37.77 -10.32
C PRO A 116 -27.30 37.37 -9.26
N GLU B 1 2.00 13.11 -19.16
CA GLU B 1 2.92 12.03 -18.83
C GLU B 1 3.63 12.29 -17.50
N VAL B 2 2.85 12.36 -16.42
CA VAL B 2 3.44 12.50 -15.08
C VAL B 2 4.21 11.22 -14.72
N GLN B 3 5.46 11.35 -14.30
CA GLN B 3 6.24 10.19 -13.89
C GLN B 3 6.83 10.38 -12.51
N LEU B 4 6.94 9.28 -11.77
CA LEU B 4 7.52 9.28 -10.42
C LEU B 4 8.36 8.04 -10.18
N VAL B 5 9.61 8.21 -9.76
CA VAL B 5 10.56 7.10 -9.61
C VAL B 5 11.28 7.15 -8.26
N GLU B 6 11.08 6.15 -7.42
CA GLU B 6 11.78 6.11 -6.14
C GLU B 6 13.09 5.35 -6.25
N SER B 7 14.05 5.75 -5.40
CA SER B 7 15.38 5.16 -5.32
C SER B 7 15.85 5.22 -3.88
N GLY B 8 16.81 4.36 -3.54
CA GLY B 8 17.52 4.49 -2.28
C GLY B 8 17.20 3.44 -1.24
N GLY B 9 16.23 2.57 -1.55
CA GLY B 9 15.82 1.54 -0.60
C GLY B 9 16.80 0.39 -0.51
N GLY B 10 16.62 -0.43 0.52
CA GLY B 10 17.36 -1.68 0.65
C GLY B 10 17.29 -2.24 2.05
N LEU B 11 18.37 -2.88 2.49
CA LEU B 11 18.47 -3.43 3.83
C LEU B 11 19.26 -2.52 4.75
N VAL B 12 18.78 -2.40 5.98
CA VAL B 12 19.41 -1.58 7.00
C VAL B 12 19.07 -2.18 8.37
N GLN B 13 20.02 -2.18 9.30
CA GLN B 13 19.75 -2.87 10.56
C GLN B 13 19.18 -1.89 11.59
N PRO B 14 18.44 -2.41 12.60
CA PRO B 14 17.64 -1.54 13.47
C PRO B 14 18.47 -0.47 14.17
N GLY B 15 17.89 0.70 14.33
CA GLY B 15 18.60 1.85 14.87
C GLY B 15 19.40 2.59 13.81
N GLY B 16 19.49 2.01 12.61
CA GLY B 16 20.23 2.62 11.52
C GLY B 16 19.44 3.63 10.71
N SER B 17 20.09 4.22 9.70
CA SER B 17 19.49 5.30 8.95
C SER B 17 19.58 5.07 7.45
N LEU B 18 18.67 5.70 6.72
CA LEU B 18 18.55 5.50 5.29
C LEU B 18 17.85 6.71 4.66
N ARG B 19 18.25 7.06 3.44
CA ARG B 19 17.67 8.20 2.77
C ARG B 19 17.03 7.80 1.45
N LEU B 20 15.72 7.98 1.37
CA LEU B 20 14.97 7.69 0.15
C LEU B 20 14.88 8.90 -0.74
N SER B 21 14.80 8.67 -2.04
CA SER B 21 14.68 9.78 -2.96
C SER B 21 13.63 9.46 -3.99
N CYS B 22 13.07 10.51 -4.57
CA CYS B 22 11.97 10.38 -5.52
C CYS B 22 12.17 11.42 -6.62
N ALA B 23 12.25 10.98 -7.87
CA ALA B 23 12.43 11.91 -8.98
C ALA B 23 11.11 12.09 -9.75
N ALA B 24 10.82 13.33 -10.16
CA ALA B 24 9.56 13.64 -10.81
C ALA B 24 9.74 14.10 -12.25
N SER B 25 8.71 13.91 -13.07
CA SER B 25 8.77 14.38 -14.44
C SER B 25 7.36 14.57 -15.00
N GLY B 26 7.22 15.45 -15.98
CA GLY B 26 5.98 15.62 -16.71
C GLY B 26 5.01 16.62 -16.10
N PHE B 27 5.45 17.32 -15.07
CA PHE B 27 4.62 18.34 -14.44
C PHE B 27 5.53 19.32 -13.72
N THR B 28 5.00 20.47 -13.36
CA THR B 28 5.83 21.47 -12.69
C THR B 28 5.89 21.14 -11.21
N PHE B 29 7.02 20.55 -10.82
CA PHE B 29 7.21 20.01 -9.48
C PHE B 29 7.06 21.04 -8.37
N SER B 30 7.46 22.29 -8.65
CA SER B 30 7.44 23.33 -7.62
C SER B 30 6.01 23.77 -7.30
N ARG B 31 5.03 23.32 -8.09
CA ARG B 31 3.63 23.73 -7.90
C ARG B 31 2.83 22.80 -6.99
N TYR B 32 3.43 21.70 -6.56
CA TYR B 32 2.62 20.68 -5.92
C TYR B 32 3.10 20.28 -4.52
N TRP B 33 2.14 19.98 -3.66
CA TRP B 33 2.39 19.27 -2.41
C TRP B 33 2.79 17.82 -2.74
N MET B 34 3.69 17.25 -1.95
CA MET B 34 4.13 15.88 -2.19
C MET B 34 4.06 15.05 -0.90
N SER B 35 3.72 13.77 -1.02
CA SER B 35 3.59 12.86 0.13
C SER B 35 4.48 11.64 0.00
N TRP B 36 4.76 11.04 1.15
CA TRP B 36 5.24 9.67 1.22
C TRP B 36 4.13 8.79 1.83
N VAL B 37 3.92 7.63 1.21
CA VAL B 37 3.00 6.61 1.69
C VAL B 37 3.74 5.27 1.73
N ARG B 38 3.56 4.49 2.78
CA ARG B 38 4.24 3.19 2.84
C ARG B 38 3.27 2.03 2.97
N GLN B 39 3.76 0.84 2.68
CA GLN B 39 2.96 -0.37 2.80
C GLN B 39 3.83 -1.55 3.24
N ALA B 40 3.52 -2.07 4.42
CA ALA B 40 4.22 -3.23 4.94
C ALA B 40 3.75 -4.48 4.19
N PRO B 41 4.64 -5.48 4.04
CA PRO B 41 4.35 -6.71 3.27
C PRO B 41 3.07 -7.39 3.72
N GLY B 42 2.07 -7.45 2.85
CA GLY B 42 0.80 -8.08 3.15
C GLY B 42 -0.22 -7.19 3.85
N LYS B 43 0.23 -6.02 4.30
CA LYS B 43 -0.67 -5.10 4.99
C LYS B 43 -1.26 -4.07 4.03
N GLY B 44 -1.93 -3.07 4.59
CA GLY B 44 -2.50 -2.01 3.80
C GLY B 44 -1.63 -0.76 3.74
N LEU B 45 -2.23 0.33 3.28
CA LEU B 45 -1.51 1.58 3.03
C LEU B 45 -1.53 2.52 4.23
N GLU B 46 -0.40 3.16 4.48
CA GLU B 46 -0.27 4.10 5.58
C GLU B 46 0.46 5.38 5.11
N TRP B 47 -0.19 6.53 5.27
CA TRP B 47 0.45 7.80 4.96
C TRP B 47 1.60 8.10 5.95
N VAL B 48 2.67 8.73 5.47
CA VAL B 48 3.85 8.95 6.30
C VAL B 48 4.18 10.43 6.54
N ALA B 49 4.38 11.17 5.45
CA ALA B 49 4.85 12.55 5.56
C ALA B 49 4.32 13.43 4.44
N ASN B 50 4.42 14.73 4.66
CA ASN B 50 3.88 15.74 3.74
C ASN B 50 4.80 16.95 3.61
N ILE B 51 4.93 17.51 2.42
CA ILE B 51 5.67 18.76 2.32
C ILE B 51 5.03 19.77 1.35
N LYS B 52 5.05 21.05 1.76
CA LYS B 52 4.53 22.16 0.98
C LYS B 52 5.45 22.44 -0.22
N GLN B 53 4.93 23.14 -1.24
CA GLN B 53 5.71 23.49 -2.44
C GLN B 53 7.10 24.01 -2.13
N ASP B 54 7.16 24.97 -1.22
CA ASP B 54 8.41 25.66 -0.92
C ASP B 54 9.20 25.03 0.25
N GLY B 55 8.73 23.89 0.74
CA GLY B 55 9.41 23.20 1.84
C GLY B 55 9.16 23.88 3.16
N SER B 56 8.26 24.86 3.16
CA SER B 56 8.00 25.71 4.31
C SER B 56 7.17 25.06 5.43
N GLU B 57 6.46 23.97 5.12
CA GLU B 57 5.66 23.24 6.11
C GLU B 57 5.83 21.75 5.87
N LYS B 58 5.85 20.97 6.95
CA LYS B 58 6.06 19.53 6.88
C LYS B 58 5.18 18.86 7.91
N TYR B 59 4.46 17.81 7.53
CA TYR B 59 3.67 17.06 8.51
C TYR B 59 3.95 15.57 8.49
N TYR B 60 3.80 14.93 9.64
CA TYR B 60 4.15 13.53 9.79
C TYR B 60 3.09 12.75 10.56
N VAL B 61 3.04 11.43 10.32
CA VAL B 61 2.30 10.57 11.23
C VAL B 61 3.07 10.47 12.56
N ASP B 62 2.31 10.33 13.64
CA ASP B 62 2.84 10.08 14.99
C ASP B 62 4.06 9.15 15.04
N SER B 63 3.97 8.00 14.37
CA SER B 63 5.00 6.93 14.43
C SER B 63 6.39 7.32 13.95
N VAL B 64 6.47 8.36 13.13
CA VAL B 64 7.73 8.74 12.52
C VAL B 64 8.14 10.15 12.90
N LYS B 65 7.26 10.83 13.64
CA LYS B 65 7.54 12.19 14.06
C LYS B 65 8.72 12.18 15.03
N GLY B 66 9.76 12.91 14.69
CA GLY B 66 10.96 12.94 15.50
C GLY B 66 12.05 12.03 14.95
N ARG B 67 11.71 11.18 13.99
CA ARG B 67 12.64 10.20 13.44
C ARG B 67 12.85 10.36 11.94
N PHE B 68 11.75 10.61 11.23
CA PHE B 68 11.81 10.84 9.79
C PHE B 68 11.84 12.33 9.48
N THR B 69 12.61 12.73 8.50
CA THR B 69 12.55 14.11 8.03
C THR B 69 12.29 14.16 6.52
N ILE B 70 11.21 14.83 6.15
CA ILE B 70 10.88 15.02 4.74
C ILE B 70 11.52 16.32 4.24
N SER B 71 11.93 16.33 2.98
CA SER B 71 12.51 17.53 2.38
C SER B 71 12.47 17.38 0.86
N ARG B 72 12.71 18.47 0.14
CA ARG B 72 12.52 18.48 -1.32
C ARG B 72 13.46 19.47 -1.99
N ASP B 73 13.82 19.23 -3.26
CA ASP B 73 14.55 20.24 -4.02
C ASP B 73 13.89 20.54 -5.36
N ASN B 74 13.28 21.71 -5.48
CA ASN B 74 12.46 21.97 -6.65
C ASN B 74 13.29 22.08 -7.92
N ALA B 75 14.50 22.58 -7.78
CA ALA B 75 15.46 22.65 -8.89
C ALA B 75 15.83 21.27 -9.45
N LYS B 76 16.06 20.31 -8.55
CA LYS B 76 16.43 18.93 -8.95
C LYS B 76 15.21 18.06 -9.30
N ASN B 77 14.01 18.61 -9.14
CA ASN B 77 12.79 17.82 -9.29
C ASN B 77 12.79 16.58 -8.39
N SER B 78 13.11 16.75 -7.12
CA SER B 78 13.30 15.59 -6.27
C SER B 78 12.78 15.74 -4.85
N LEU B 79 12.31 14.60 -4.33
CA LEU B 79 11.74 14.53 -3.00
C LEU B 79 12.58 13.59 -2.16
N TYR B 80 12.67 13.85 -0.86
CA TYR B 80 13.54 13.05 -0.02
C TYR B 80 12.88 12.69 1.29
N LEU B 81 13.22 11.52 1.78
CA LEU B 81 12.86 11.12 3.11
C LEU B 81 14.11 10.59 3.76
N GLN B 82 14.57 11.34 4.77
CA GLN B 82 15.66 10.91 5.62
C GLN B 82 15.05 10.17 6.79
N MET B 83 15.31 8.87 6.81
CA MET B 83 14.83 7.99 7.87
C MET B 83 15.96 7.65 8.85
N ASN B 84 15.73 7.93 10.13
CA ASN B 84 16.72 7.70 11.17
C ASN B 84 16.09 6.88 12.27
N SER B 85 16.91 6.17 13.04
CA SER B 85 16.42 5.46 14.22
C SER B 85 15.35 4.43 13.80
N LEU B 86 15.65 3.69 12.75
CA LEU B 86 14.69 2.77 12.12
C LEU B 86 14.39 1.51 12.94
N ARG B 87 13.11 1.22 13.15
CA ARG B 87 12.67 -0.01 13.80
C ARG B 87 12.22 -1.06 12.77
N ALA B 88 11.97 -2.28 13.24
CA ALA B 88 11.56 -3.38 12.35
C ALA B 88 10.18 -3.13 11.73
N GLU B 89 9.31 -2.40 12.43
CA GLU B 89 7.96 -2.09 11.92
C GLU B 89 8.00 -1.01 10.84
N ASP B 90 9.18 -0.46 10.60
CA ASP B 90 9.33 0.47 9.50
C ASP B 90 9.55 -0.29 8.18
N THR B 91 9.68 -1.63 8.26
CA THR B 91 9.85 -2.43 7.04
C THR B 91 8.60 -2.31 6.16
N ALA B 92 8.81 -1.93 4.90
CA ALA B 92 7.71 -1.64 3.99
C ALA B 92 8.18 -1.25 2.59
N VAL B 93 7.27 -1.32 1.64
CA VAL B 93 7.43 -0.63 0.36
C VAL B 93 7.08 0.84 0.59
N TYR B 94 7.97 1.72 0.16
CA TYR B 94 7.73 3.14 0.29
C TYR B 94 7.40 3.77 -1.07
N TYR B 95 6.22 4.41 -1.14
CA TYR B 95 5.73 5.11 -2.34
C TYR B 95 5.80 6.63 -2.21
N CYS B 96 6.19 7.31 -3.28
CA CYS B 96 5.98 8.76 -3.32
C CYS B 96 4.71 9.08 -4.09
N ALA B 97 3.97 10.09 -3.63
CA ALA B 97 2.73 10.48 -4.30
C ALA B 97 2.61 11.99 -4.49
N ARG B 98 2.12 12.41 -5.65
CA ARG B 98 1.78 13.81 -5.82
C ARG B 98 0.41 14.06 -5.25
N GLU B 99 0.28 15.13 -4.47
CA GLU B 99 -1.03 15.61 -4.09
C GLU B 99 -1.50 16.63 -5.10
N GLY B 100 -2.52 16.26 -5.87
CA GLY B 100 -3.02 17.09 -6.97
C GLY B 100 -3.72 18.38 -6.59
N GLY B 101 -3.86 19.30 -7.54
CA GLY B 101 -4.43 20.61 -7.28
C GLY B 101 -3.45 21.53 -6.57
N TRP B 102 -3.97 22.61 -6.00
CA TRP B 102 -3.15 23.61 -5.33
C TRP B 102 -2.66 23.19 -3.94
N PHE B 103 -3.59 22.61 -3.18
CA PHE B 103 -3.35 22.26 -1.77
C PHE B 103 -3.57 20.78 -1.51
N GLY B 104 -3.67 20.00 -2.57
CA GLY B 104 -3.89 18.58 -2.43
C GLY B 104 -5.34 18.14 -2.52
N GLU B 105 -6.20 18.98 -3.09
CA GLU B 105 -7.64 18.72 -3.07
C GLU B 105 -8.06 17.69 -4.10
N LEU B 106 -7.10 17.25 -4.92
CA LEU B 106 -7.30 16.18 -5.90
C LEU B 106 -6.71 14.86 -5.39
N ALA B 107 -6.47 14.79 -4.08
CA ALA B 107 -5.91 13.61 -3.43
C ALA B 107 -4.58 13.16 -4.06
N PHE B 108 -4.29 11.86 -3.97
CA PHE B 108 -3.05 11.30 -4.53
C PHE B 108 -3.19 10.92 -6.00
N ASP B 109 -3.03 11.95 -6.83
CA ASP B 109 -2.99 11.93 -8.29
C ASP B 109 -2.21 10.82 -8.97
N TYR B 110 -0.96 10.69 -8.55
CA TYR B 110 0.03 9.85 -9.24
C TYR B 110 1.01 9.29 -8.21
N TRP B 111 1.47 8.06 -8.46
CA TRP B 111 2.32 7.33 -7.55
C TRP B 111 3.57 6.87 -8.29
N GLY B 112 4.69 6.75 -7.57
CA GLY B 112 5.84 6.03 -8.07
C GLY B 112 5.58 4.52 -7.98
N GLN B 113 6.56 3.69 -8.34
CA GLN B 113 6.37 2.24 -8.30
C GLN B 113 6.77 1.66 -6.95
N GLY B 114 7.43 2.49 -6.13
CA GLY B 114 7.82 2.11 -4.80
C GLY B 114 9.19 1.45 -4.75
N THR B 115 9.80 1.54 -3.57
CA THR B 115 11.07 0.90 -3.28
C THR B 115 10.96 0.19 -1.92
N LEU B 116 11.51 -1.01 -1.83
CA LEU B 116 11.39 -1.81 -0.61
C LEU B 116 12.46 -1.47 0.39
N VAL B 117 12.04 -1.16 1.61
CA VAL B 117 12.95 -0.94 2.72
C VAL B 117 12.81 -2.09 3.69
N THR B 118 13.94 -2.73 3.97
CA THR B 118 13.96 -3.89 4.86
C THR B 118 14.80 -3.62 6.09
N VAL B 119 14.16 -3.66 7.26
CA VAL B 119 14.84 -3.41 8.53
C VAL B 119 14.97 -4.67 9.39
N SER B 120 16.19 -5.20 9.46
CA SER B 120 16.42 -6.44 10.19
C SER B 120 17.90 -6.68 10.51
N SER B 121 18.13 -7.49 11.53
CA SER B 121 19.49 -7.81 11.98
C SER B 121 20.20 -8.77 11.05
N ALA B 122 19.44 -9.48 10.22
CA ALA B 122 20.03 -10.54 9.42
C ALA B 122 20.91 -9.95 8.32
N SER B 123 21.94 -10.70 7.96
CA SER B 123 22.86 -10.27 6.93
C SER B 123 22.36 -10.76 5.58
N THR B 124 22.71 -10.04 4.53
CA THR B 124 22.46 -10.51 3.19
C THR B 124 23.06 -11.91 3.00
N LYS B 125 22.28 -12.78 2.36
CA LYS B 125 22.66 -14.17 2.21
C LYS B 125 21.95 -14.79 1.00
N GLY B 126 22.72 -15.40 0.12
CA GLY B 126 22.19 -16.11 -1.03
C GLY B 126 21.47 -17.40 -0.68
N PRO B 127 20.46 -17.74 -1.50
CA PRO B 127 19.58 -18.88 -1.29
C PRO B 127 20.21 -20.26 -1.55
N SER B 128 19.76 -21.26 -0.81
CA SER B 128 20.04 -22.63 -1.21
C SER B 128 18.89 -23.06 -2.10
N VAL B 129 19.21 -23.79 -3.16
CA VAL B 129 18.21 -24.23 -4.12
C VAL B 129 18.14 -25.74 -4.22
N PHE B 130 17.02 -26.28 -3.74
CA PHE B 130 16.85 -27.72 -3.70
C PHE B 130 15.76 -28.19 -4.65
N PRO B 131 16.00 -29.31 -5.34
CA PRO B 131 15.04 -29.88 -6.28
C PRO B 131 13.82 -30.48 -5.60
N LEU B 132 12.63 -30.12 -6.06
CA LEU B 132 11.39 -30.81 -5.69
C LEU B 132 11.03 -31.85 -6.74
N ALA B 133 11.51 -33.08 -6.57
CA ALA B 133 11.42 -34.06 -7.65
C ALA B 133 10.07 -34.80 -7.72
N PRO B 134 9.60 -35.06 -8.96
CA PRO B 134 8.36 -35.81 -9.26
C PRO B 134 8.48 -37.31 -8.96
N THR B 143 -0.38 -36.49 -15.31
CA THR B 143 0.14 -35.17 -14.96
C THR B 143 1.08 -35.17 -13.73
N ALA B 144 2.26 -34.57 -13.90
CA ALA B 144 3.27 -34.53 -12.86
C ALA B 144 3.58 -33.10 -12.44
N ALA B 145 3.99 -32.94 -11.19
CA ALA B 145 4.38 -31.65 -10.63
C ALA B 145 5.84 -31.69 -10.19
N LEU B 146 6.59 -30.66 -10.54
CA LEU B 146 7.96 -30.54 -10.06
C LEU B 146 8.29 -29.10 -9.66
N GLY B 147 9.49 -28.89 -9.14
CA GLY B 147 9.88 -27.54 -8.78
C GLY B 147 11.19 -27.40 -8.04
N CYS B 148 11.38 -26.18 -7.52
CA CYS B 148 12.60 -25.76 -6.83
C CYS B 148 12.26 -25.25 -5.44
N LEU B 149 13.02 -25.69 -4.45
CA LEU B 149 12.96 -25.10 -3.14
C LEU B 149 14.07 -24.06 -2.99
N VAL B 150 13.67 -22.80 -2.94
CA VAL B 150 14.58 -21.67 -2.78
C VAL B 150 14.61 -21.25 -1.30
N LYS B 151 15.67 -21.60 -0.59
CA LYS B 151 15.64 -21.53 0.86
C LYS B 151 16.73 -20.69 1.52
N ASP B 152 16.36 -19.99 2.60
CA ASP B 152 17.29 -19.24 3.47
C ASP B 152 18.05 -18.14 2.74
N TYR B 153 17.32 -17.25 2.08
CA TYR B 153 17.94 -16.07 1.49
C TYR B 153 17.46 -14.80 2.19
N PHE B 154 18.24 -13.73 2.05
CA PHE B 154 17.94 -12.43 2.65
C PHE B 154 18.74 -11.32 1.93
N PRO B 155 18.07 -10.19 1.62
CA PRO B 155 16.63 -10.01 1.82
C PRO B 155 15.85 -10.32 0.55
N GLU B 156 14.59 -9.96 0.57
CA GLU B 156 13.81 -9.95 -0.65
C GLU B 156 14.40 -8.90 -1.58
N PRO B 157 14.22 -9.06 -2.88
CA PRO B 157 13.47 -10.09 -3.59
C PRO B 157 14.34 -11.19 -4.19
N VAL B 158 13.66 -12.14 -4.81
CA VAL B 158 14.32 -13.19 -5.57
C VAL B 158 13.58 -13.35 -6.89
N THR B 159 14.31 -13.76 -7.91
CA THR B 159 13.76 -13.94 -9.26
C THR B 159 13.76 -15.39 -9.65
N VAL B 160 12.59 -15.92 -10.01
CA VAL B 160 12.50 -17.31 -10.45
C VAL B 160 11.93 -17.46 -11.85
N SER B 161 12.69 -18.08 -12.74
CA SER B 161 12.13 -18.45 -14.04
C SER B 161 12.47 -19.90 -14.38
N TRP B 162 11.82 -20.41 -15.43
CA TRP B 162 11.98 -21.80 -15.83
C TRP B 162 12.40 -21.92 -17.29
N ASN B 163 13.50 -22.64 -17.52
CA ASN B 163 14.06 -22.82 -18.85
C ASN B 163 14.34 -21.48 -19.51
N SER B 164 14.75 -20.52 -18.69
CA SER B 164 15.11 -19.18 -19.15
C SER B 164 13.92 -18.45 -19.79
N GLY B 165 12.75 -18.65 -19.20
CA GLY B 165 11.57 -17.93 -19.61
C GLY B 165 10.80 -18.68 -20.67
N ALA B 166 11.36 -19.78 -21.14
CA ALA B 166 10.73 -20.56 -22.20
C ALA B 166 9.65 -21.48 -21.65
N LEU B 167 9.50 -21.49 -20.32
CA LEU B 167 8.47 -22.29 -19.67
C LEU B 167 7.66 -21.42 -18.69
N THR B 168 6.37 -21.27 -18.99
CA THR B 168 5.52 -20.28 -18.32
C THR B 168 4.19 -20.87 -17.87
N SER B 169 3.57 -21.65 -18.75
CA SER B 169 2.24 -22.17 -18.46
C SER B 169 2.29 -23.20 -17.36
N GLY B 170 1.41 -23.04 -16.38
CA GLY B 170 1.36 -23.94 -15.25
C GLY B 170 2.40 -23.66 -14.18
N VAL B 171 3.03 -22.49 -14.24
CA VAL B 171 4.06 -22.15 -13.29
C VAL B 171 3.48 -21.36 -12.12
N HIS B 172 3.75 -21.83 -10.90
CA HIS B 172 3.38 -21.09 -9.71
C HIS B 172 4.62 -20.83 -8.86
N THR B 173 5.04 -19.58 -8.80
CA THR B 173 6.09 -19.18 -7.87
C THR B 173 5.43 -18.52 -6.66
N PHE B 174 5.40 -19.24 -5.55
CA PHE B 174 4.73 -18.75 -4.35
C PHE B 174 5.42 -17.57 -3.72
N PRO B 175 4.64 -16.65 -3.13
CA PRO B 175 5.19 -15.58 -2.31
C PRO B 175 6.09 -16.19 -1.23
N ALA B 176 7.16 -15.48 -0.89
CA ALA B 176 8.07 -15.98 0.14
C ALA B 176 7.45 -15.83 1.51
N VAL B 177 7.80 -16.73 2.42
CA VAL B 177 7.42 -16.59 3.84
C VAL B 177 8.65 -16.28 4.71
N LEU B 178 8.47 -15.36 5.66
CA LEU B 178 9.53 -15.07 6.60
C LEU B 178 9.60 -16.21 7.62
N GLN B 179 10.70 -16.97 7.61
CA GLN B 179 10.82 -18.13 8.49
C GLN B 179 11.11 -17.73 9.94
N SER B 180 10.99 -18.69 10.84
CA SER B 180 11.31 -18.44 12.25
C SER B 180 12.73 -17.86 12.39
N SER B 181 13.65 -18.32 11.55
CA SER B 181 15.03 -17.83 11.57
C SER B 181 15.19 -16.34 11.21
N GLY B 182 14.19 -15.78 10.54
CA GLY B 182 14.32 -14.43 10.02
C GLY B 182 14.83 -14.42 8.58
N LEU B 183 15.07 -15.61 8.01
CA LEU B 183 15.44 -15.70 6.59
C LEU B 183 14.24 -16.08 5.75
N TYR B 184 14.28 -15.76 4.46
CA TYR B 184 13.14 -16.02 3.58
C TYR B 184 13.25 -17.35 2.87
N SER B 185 12.08 -17.92 2.59
CA SER B 185 11.98 -19.20 1.91
C SER B 185 10.82 -19.19 0.93
N LEU B 186 10.98 -19.84 -0.21
CA LEU B 186 9.86 -20.05 -1.14
C LEU B 186 10.06 -21.25 -2.05
N SER B 187 9.00 -21.62 -2.76
CA SER B 187 9.10 -22.68 -3.75
C SER B 187 8.45 -22.24 -5.06
N SER B 188 8.98 -22.76 -6.16
CA SER B 188 8.38 -22.54 -7.46
C SER B 188 7.99 -23.90 -8.02
N VAL B 189 6.76 -24.04 -8.47
CA VAL B 189 6.34 -25.31 -9.03
C VAL B 189 5.82 -25.16 -10.43
N VAL B 190 5.73 -26.27 -11.13
CA VAL B 190 5.11 -26.30 -12.44
C VAL B 190 4.56 -27.70 -12.66
N THR B 191 3.38 -27.77 -13.28
CA THR B 191 2.78 -29.04 -13.64
C THR B 191 3.06 -29.33 -15.11
N VAL B 192 3.43 -30.58 -15.37
CA VAL B 192 3.86 -31.01 -16.69
C VAL B 192 3.30 -32.41 -16.96
N PRO B 193 3.20 -32.80 -18.23
CA PRO B 193 2.82 -34.18 -18.57
C PRO B 193 3.85 -35.19 -18.11
N SER B 194 3.41 -36.32 -17.56
CA SER B 194 4.31 -37.36 -17.06
C SER B 194 5.26 -37.84 -18.16
N SER B 195 4.76 -37.82 -19.39
CA SER B 195 5.52 -38.25 -20.56
C SER B 195 6.72 -37.36 -20.84
N SER B 196 6.68 -36.12 -20.36
CA SER B 196 7.75 -35.16 -20.58
C SER B 196 8.92 -35.36 -19.62
N LEU B 197 8.73 -36.22 -18.62
CA LEU B 197 9.80 -36.53 -17.68
C LEU B 197 10.82 -37.41 -18.39
N GLY B 198 12.06 -36.96 -18.45
CA GLY B 198 13.07 -37.70 -19.18
C GLY B 198 13.38 -37.13 -20.55
N THR B 199 12.36 -36.81 -21.33
CA THR B 199 12.64 -36.23 -22.65
C THR B 199 12.75 -34.69 -22.59
N GLN B 200 12.03 -34.06 -21.68
CA GLN B 200 12.06 -32.61 -21.58
C GLN B 200 12.97 -32.14 -20.43
N THR B 201 13.84 -31.17 -20.73
CA THR B 201 14.70 -30.57 -19.71
C THR B 201 13.94 -29.52 -18.92
N TYR B 202 14.10 -29.58 -17.60
CA TYR B 202 13.51 -28.59 -16.71
C TYR B 202 14.56 -27.97 -15.79
N ILE B 203 14.90 -26.71 -16.09
CA ILE B 203 15.88 -25.98 -15.32
C ILE B 203 15.22 -24.78 -14.61
N CYS B 204 15.45 -24.75 -13.30
CA CYS B 204 14.96 -23.70 -12.42
C CYS B 204 16.01 -22.59 -12.37
N ASN B 205 15.65 -21.38 -12.79
CA ASN B 205 16.60 -20.27 -12.76
C ASN B 205 16.34 -19.34 -11.59
N VAL B 206 17.29 -19.29 -10.67
CA VAL B 206 17.14 -18.46 -9.49
C VAL B 206 18.16 -17.33 -9.46
N ASN B 207 17.64 -16.12 -9.30
CA ASN B 207 18.46 -14.93 -9.34
C ASN B 207 18.17 -14.04 -8.13
N HIS B 208 19.14 -13.94 -7.21
CA HIS B 208 18.96 -13.11 -6.01
C HIS B 208 19.92 -11.93 -6.05
N LYS B 209 19.40 -10.79 -6.50
CA LYS B 209 20.24 -9.62 -6.76
C LYS B 209 20.99 -9.07 -5.52
N PRO B 210 20.30 -8.93 -4.36
CA PRO B 210 21.04 -8.45 -3.17
C PRO B 210 22.35 -9.18 -2.90
N SER B 211 22.34 -10.50 -2.87
CA SER B 211 23.55 -11.31 -2.62
C SER B 211 24.31 -11.58 -3.92
N ASN B 212 23.81 -11.01 -5.00
CA ASN B 212 24.43 -11.13 -6.32
C ASN B 212 24.72 -12.55 -6.81
N THR B 213 23.88 -13.51 -6.41
CA THR B 213 24.05 -14.89 -6.85
C THR B 213 23.01 -15.28 -7.92
N LYS B 214 23.40 -16.19 -8.81
CA LYS B 214 22.51 -16.75 -9.81
C LYS B 214 22.64 -18.28 -9.72
N VAL B 215 21.54 -19.00 -9.80
CA VAL B 215 21.63 -20.46 -9.72
C VAL B 215 20.76 -21.10 -10.81
N ASP B 216 21.29 -22.14 -11.45
CA ASP B 216 20.51 -22.99 -12.35
C ASP B 216 20.49 -24.42 -11.83
N LYS B 217 19.33 -24.85 -11.35
CA LYS B 217 19.16 -26.23 -10.90
C LYS B 217 18.35 -27.03 -11.91
N LYS B 218 18.91 -28.15 -12.38
CA LYS B 218 18.15 -29.07 -13.21
C LYS B 218 17.38 -30.00 -12.29
N VAL B 219 16.08 -30.12 -12.53
CA VAL B 219 15.23 -31.01 -11.73
C VAL B 219 14.89 -32.25 -12.53
N GLU B 220 15.25 -33.41 -12.00
CA GLU B 220 14.97 -34.67 -12.68
C GLU B 220 14.19 -35.57 -11.74
N PRO B 221 13.53 -36.59 -12.29
CA PRO B 221 13.02 -37.67 -11.43
C PRO B 221 14.17 -38.44 -10.78
N LYS B 222 13.92 -39.06 -9.62
CA LYS B 222 14.91 -39.87 -8.92
C LYS B 222 14.74 -41.36 -9.21
N ILE C 2 -8.90 10.03 12.74
CA ILE C 2 -10.01 9.57 11.87
C ILE C 2 -9.83 8.15 11.34
N VAL C 3 -10.65 7.23 11.82
CA VAL C 3 -10.57 5.83 11.47
C VAL C 3 -11.60 5.49 10.39
N LEU C 4 -11.13 4.86 9.31
CA LEU C 4 -11.99 4.43 8.22
C LEU C 4 -12.13 2.91 8.22
N THR C 5 -13.38 2.45 8.30
CA THR C 5 -13.67 1.02 8.33
C THR C 5 -14.35 0.63 7.04
N GLN C 6 -13.60 -0.08 6.20
CA GLN C 6 -14.10 -0.58 4.94
C GLN C 6 -14.85 -1.87 5.11
N SER C 7 -15.78 -2.10 4.19
CA SER C 7 -16.69 -3.23 4.28
C SER C 7 -17.24 -3.63 2.92
N PRO C 8 -17.33 -4.94 2.66
CA PRO C 8 -16.84 -6.02 3.54
C PRO C 8 -15.36 -6.32 3.31
N GLY C 9 -14.89 -7.44 3.84
CA GLY C 9 -13.50 -7.83 3.66
C GLY C 9 -13.23 -8.31 2.24
N THR C 10 -14.04 -9.24 1.77
CA THR C 10 -13.90 -9.79 0.43
C THR C 10 -15.24 -9.80 -0.31
N LEU C 11 -15.20 -9.49 -1.59
CA LEU C 11 -16.36 -9.72 -2.47
C LEU C 11 -16.03 -10.79 -3.50
N SER C 12 -16.89 -11.80 -3.59
CA SER C 12 -16.78 -12.82 -4.63
C SER C 12 -17.90 -12.61 -5.65
N LEU C 13 -17.53 -12.17 -6.86
CA LEU C 13 -18.49 -11.80 -7.88
C LEU C 13 -18.05 -12.26 -9.26
N SER C 14 -19.03 -12.48 -10.14
CA SER C 14 -18.80 -12.81 -11.53
C SER C 14 -18.74 -11.54 -12.37
N PRO C 15 -17.91 -11.52 -13.43
CA PRO C 15 -17.96 -10.39 -14.36
C PRO C 15 -19.41 -10.08 -14.78
N GLY C 16 -19.70 -8.79 -14.89
CA GLY C 16 -21.04 -8.35 -15.25
C GLY C 16 -21.91 -8.03 -14.05
N GLU C 17 -21.58 -8.58 -12.89
CA GLU C 17 -22.30 -8.23 -11.68
C GLU C 17 -21.90 -6.82 -11.24
N ARG C 18 -22.67 -6.28 -10.29
CA ARG C 18 -22.39 -4.95 -9.76
C ARG C 18 -21.74 -5.08 -8.38
N ALA C 19 -20.70 -4.28 -8.11
CA ALA C 19 -20.05 -4.36 -6.79
C ALA C 19 -20.27 -3.08 -5.98
N THR C 20 -20.56 -3.26 -4.69
CA THR C 20 -20.82 -2.15 -3.78
C THR C 20 -19.83 -2.20 -2.62
N LEU C 21 -19.06 -1.12 -2.45
CA LEU C 21 -18.05 -1.09 -1.40
C LEU C 21 -18.30 0.03 -0.40
N SER C 22 -18.18 -0.28 0.89
CA SER C 22 -18.50 0.69 1.91
C SER C 22 -17.28 1.21 2.64
N CYS C 23 -17.37 2.49 3.01
CA CYS C 23 -16.34 3.14 3.80
C CYS C 23 -17.05 3.97 4.87
N ARG C 24 -16.81 3.65 6.14
CA ARG C 24 -17.41 4.46 7.22
C ARG C 24 -16.32 5.19 8.01
N ALA C 25 -16.59 6.43 8.39
CA ALA C 25 -15.59 7.21 9.14
C ALA C 25 -16.01 7.44 10.58
N SER C 26 -15.03 7.64 11.46
CA SER C 26 -15.30 7.91 12.86
C SER C 26 -15.52 9.40 13.10
N GLN C 27 -15.30 10.20 12.05
CA GLN C 27 -15.53 11.63 12.12
C GLN C 27 -16.04 12.12 10.78
N ARG C 28 -16.64 13.29 10.76
CA ARG C 28 -17.06 13.88 9.50
C ARG C 28 -15.84 14.22 8.67
N VAL C 29 -15.87 13.86 7.38
CA VAL C 29 -14.76 14.11 6.48
C VAL C 29 -14.92 15.46 5.79
N SER C 30 -14.11 16.43 6.22
CA SER C 30 -14.21 17.81 5.75
C SER C 30 -14.29 17.91 4.23
N SER C 31 -15.17 18.77 3.76
CA SER C 31 -15.39 18.98 2.31
C SER C 31 -15.64 17.71 1.49
N SER C 32 -15.91 16.59 2.16
CA SER C 32 -16.05 15.27 1.51
C SER C 32 -14.83 14.86 0.71
N TYR C 33 -13.65 15.17 1.25
CA TYR C 33 -12.40 14.74 0.63
C TYR C 33 -12.12 13.27 0.95
N LEU C 34 -12.76 12.42 0.16
CA LEU C 34 -12.67 10.98 0.28
C LEU C 34 -12.21 10.43 -1.07
N ALA C 35 -11.04 9.81 -1.10
CA ALA C 35 -10.56 9.20 -2.34
C ALA C 35 -10.77 7.68 -2.32
N TRP C 36 -10.88 7.08 -3.49
CA TRP C 36 -10.81 5.62 -3.59
C TRP C 36 -9.63 5.20 -4.47
N TYR C 37 -9.05 4.04 -4.16
CA TYR C 37 -7.88 3.56 -4.91
C TYR C 37 -8.00 2.10 -5.29
N GLN C 38 -7.37 1.75 -6.41
CA GLN C 38 -7.33 0.37 -6.85
C GLN C 38 -5.90 -0.10 -6.80
N GLN C 39 -5.69 -1.29 -6.23
CA GLN C 39 -4.37 -1.87 -6.26
C GLN C 39 -4.41 -3.31 -6.72
N LYS C 40 -3.61 -3.60 -7.74
CA LYS C 40 -3.36 -4.97 -8.19
C LYS C 40 -2.06 -5.49 -7.56
N PRO C 41 -1.93 -6.81 -7.39
CA PRO C 41 -0.75 -7.42 -6.76
C PRO C 41 0.57 -7.00 -7.38
N GLY C 42 1.50 -6.53 -6.56
CA GLY C 42 2.80 -6.12 -7.05
C GLY C 42 2.85 -4.73 -7.64
N GLN C 43 1.71 -4.03 -7.75
CA GLN C 43 1.71 -2.68 -8.31
C GLN C 43 1.37 -1.60 -7.27
N ALA C 44 1.70 -0.35 -7.57
CA ALA C 44 1.28 0.78 -6.76
C ALA C 44 -0.22 1.08 -7.00
N PRO C 45 -0.87 1.74 -6.03
CA PRO C 45 -2.28 2.11 -6.18
C PRO C 45 -2.53 3.08 -7.35
N ARG C 46 -3.72 2.98 -7.95
CA ARG C 46 -4.22 3.95 -8.92
C ARG C 46 -5.42 4.73 -8.34
N LEU C 47 -5.42 6.05 -8.44
CA LEU C 47 -6.57 6.84 -8.00
C LEU C 47 -7.79 6.61 -8.90
N LEU C 48 -8.93 6.41 -8.25
CA LEU C 48 -10.19 6.15 -8.94
C LEU C 48 -11.13 7.35 -8.82
N ILE C 49 -11.45 7.67 -7.58
CA ILE C 49 -12.43 8.69 -7.26
C ILE C 49 -11.82 9.67 -6.27
N TYR C 50 -12.07 10.96 -6.47
CA TYR C 50 -11.71 11.98 -5.50
C TYR C 50 -12.93 12.84 -5.23
N ASP C 51 -12.93 13.56 -4.11
CA ASP C 51 -14.08 14.36 -3.66
C ASP C 51 -15.32 13.47 -3.65
N ALA C 52 -15.10 12.22 -3.27
CA ALA C 52 -16.14 11.21 -3.10
C ALA C 52 -16.87 10.81 -4.39
N SER C 53 -17.10 11.71 -5.33
CA SER C 53 -17.95 11.34 -6.46
C SER C 53 -17.35 11.61 -7.84
N SER C 54 -16.21 12.29 -7.91
CA SER C 54 -15.58 12.61 -9.19
C SER C 54 -14.60 11.54 -9.63
N ARG C 55 -14.71 11.09 -10.88
CA ARG C 55 -13.74 10.18 -11.45
C ARG C 55 -12.39 10.85 -11.74
N ALA C 56 -11.31 10.17 -11.38
CA ALA C 56 -9.97 10.57 -11.79
C ALA C 56 -9.86 10.44 -13.31
N THR C 57 -8.78 10.97 -13.89
CA THR C 57 -8.75 11.09 -15.34
C THR C 57 -8.49 9.73 -16.00
N GLY C 58 -9.30 9.43 -17.02
CA GLY C 58 -9.21 8.18 -17.73
C GLY C 58 -9.90 7.01 -17.05
N ILE C 59 -10.34 7.20 -15.82
CA ILE C 59 -11.07 6.15 -15.11
C ILE C 59 -12.45 5.96 -15.76
N PRO C 60 -12.76 4.72 -16.13
CA PRO C 60 -13.99 4.45 -16.87
C PRO C 60 -15.24 4.67 -16.01
N ASP C 61 -16.37 4.91 -16.65
CA ASP C 61 -17.55 5.42 -15.94
C ASP C 61 -18.36 4.33 -15.21
N ARG C 62 -17.90 3.09 -15.23
CA ARG C 62 -18.56 2.06 -14.43
C ARG C 62 -18.10 2.19 -12.96
N PHE C 63 -17.09 3.03 -12.76
CA PHE C 63 -16.61 3.41 -11.44
C PHE C 63 -17.31 4.67 -10.97
N SER C 64 -18.07 4.55 -9.90
CA SER C 64 -18.94 5.63 -9.47
C SER C 64 -18.93 5.78 -7.95
N GLY C 65 -18.77 7.01 -7.51
CA GLY C 65 -18.69 7.26 -6.08
C GLY C 65 -19.88 8.03 -5.57
N SER C 66 -20.23 7.79 -4.32
CA SER C 66 -21.29 8.55 -3.69
C SER C 66 -21.11 8.54 -2.18
N GLY C 67 -21.93 9.34 -1.50
CA GLY C 67 -21.85 9.49 -0.06
C GLY C 67 -21.47 10.91 0.33
N SER C 68 -21.34 11.13 1.64
CA SER C 68 -21.11 12.42 2.22
C SER C 68 -20.96 12.26 3.73
N GLY C 69 -20.15 13.10 4.36
CA GLY C 69 -20.08 13.11 5.81
C GLY C 69 -19.26 11.98 6.38
N THR C 70 -19.91 10.94 6.91
CA THR C 70 -19.17 9.79 7.42
C THR C 70 -19.44 8.48 6.68
N ASP C 71 -20.30 8.51 5.66
CA ASP C 71 -20.65 7.26 4.99
C ASP C 71 -20.43 7.33 3.47
N PHE C 72 -19.56 6.48 2.96
CA PHE C 72 -19.16 6.58 1.56
C PHE C 72 -19.23 5.25 0.86
N THR C 73 -19.71 5.28 -0.39
CA THR C 73 -19.86 4.08 -1.21
C THR C 73 -19.12 4.19 -2.56
N LEU C 74 -18.48 3.10 -2.97
CA LEU C 74 -17.91 2.97 -4.30
C LEU C 74 -18.64 1.87 -5.05
N THR C 75 -19.19 2.20 -6.21
CA THR C 75 -19.92 1.20 -6.96
C THR C 75 -19.20 0.89 -8.26
N ILE C 76 -18.99 -0.39 -8.52
CA ILE C 76 -18.57 -0.84 -9.83
C ILE C 76 -19.69 -1.65 -10.43
N SER C 77 -20.40 -1.04 -11.37
CA SER C 77 -21.49 -1.71 -12.05
C SER C 77 -20.93 -2.44 -13.26
N ARG C 78 -21.50 -3.60 -13.56
CA ARG C 78 -21.06 -4.43 -14.68
C ARG C 78 -19.51 -4.59 -14.68
N LEU C 79 -19.01 -5.33 -13.70
CA LEU C 79 -17.59 -5.59 -13.56
C LEU C 79 -16.94 -6.24 -14.79
N GLU C 80 -15.75 -5.75 -15.13
CA GLU C 80 -14.89 -6.39 -16.13
C GLU C 80 -13.80 -7.16 -15.39
N PRO C 81 -13.22 -8.19 -16.04
CA PRO C 81 -12.13 -8.97 -15.41
C PRO C 81 -11.00 -8.12 -14.87
N GLU C 82 -10.68 -7.02 -15.56
CA GLU C 82 -9.60 -6.12 -15.14
C GLU C 82 -9.92 -5.36 -13.84
N ASP C 83 -11.17 -5.45 -13.38
CA ASP C 83 -11.58 -4.68 -12.19
C ASP C 83 -11.39 -5.44 -10.89
N PHE C 84 -10.90 -6.66 -10.97
CA PHE C 84 -10.74 -7.45 -9.76
C PHE C 84 -9.37 -7.16 -9.13
N ALA C 85 -9.42 -6.63 -7.91
CA ALA C 85 -8.26 -6.09 -7.23
C ALA C 85 -8.63 -5.78 -5.79
N VAL C 86 -7.69 -5.19 -5.06
CA VAL C 86 -7.97 -4.64 -3.74
C VAL C 86 -8.34 -3.16 -3.89
N TYR C 87 -9.40 -2.74 -3.21
CA TYR C 87 -9.78 -1.34 -3.21
C TYR C 87 -9.57 -0.70 -1.84
N TYR C 88 -9.09 0.54 -1.87
CA TYR C 88 -8.86 1.31 -0.64
C TYR C 88 -9.60 2.63 -0.72
N CYS C 89 -10.13 3.07 0.42
CA CYS C 89 -10.61 4.42 0.55
C CYS C 89 -9.60 5.22 1.40
N GLN C 90 -9.62 6.53 1.26
CA GLN C 90 -8.71 7.38 2.03
C GLN C 90 -9.32 8.76 2.22
N GLN C 91 -9.11 9.30 3.40
CA GLN C 91 -9.57 10.60 3.77
C GLN C 91 -8.40 11.59 3.68
N TYR C 92 -8.58 12.69 2.95
CA TYR C 92 -7.54 13.73 2.91
C TYR C 92 -8.07 15.10 3.36
N GLY C 93 -9.18 15.06 4.12
CA GLY C 93 -9.80 16.28 4.60
C GLY C 93 -9.19 16.80 5.88
N SER C 94 -8.44 15.96 6.59
CA SER C 94 -8.02 16.28 7.95
C SER C 94 -6.74 15.49 8.32
N LEU C 95 -5.70 16.20 8.75
CA LEU C 95 -4.44 15.54 9.12
C LEU C 95 -4.60 14.78 10.42
N PRO C 96 -3.95 13.62 10.54
CA PRO C 96 -3.18 12.90 9.51
C PRO C 96 -4.06 12.23 8.46
N TRP C 97 -3.63 12.21 7.19
CA TRP C 97 -4.34 11.47 6.15
C TRP C 97 -4.44 9.98 6.54
N THR C 98 -5.59 9.37 6.37
CA THR C 98 -5.68 7.98 6.77
C THR C 98 -6.36 7.12 5.71
N PHE C 99 -5.97 5.85 5.69
CA PHE C 99 -6.51 4.84 4.78
C PHE C 99 -7.33 3.80 5.53
N GLY C 100 -8.37 3.31 4.91
CA GLY C 100 -9.04 2.11 5.40
C GLY C 100 -8.23 0.86 5.12
N GLN C 101 -8.70 -0.28 5.63
CA GLN C 101 -7.91 -1.52 5.60
C GLN C 101 -8.04 -2.30 4.28
N GLY C 102 -8.85 -1.79 3.38
CA GLY C 102 -8.99 -2.43 2.08
C GLY C 102 -10.12 -3.42 1.97
N THR C 103 -10.57 -3.62 0.74
CA THR C 103 -11.56 -4.63 0.38
C THR C 103 -11.03 -5.37 -0.84
N LYS C 104 -11.03 -6.70 -0.81
CA LYS C 104 -10.67 -7.46 -2.01
C LYS C 104 -11.92 -7.89 -2.80
N VAL C 105 -11.95 -7.57 -4.09
CA VAL C 105 -12.97 -8.06 -5.02
C VAL C 105 -12.43 -9.22 -5.87
N GLU C 106 -12.84 -10.44 -5.54
CA GLU C 106 -12.33 -11.66 -6.17
C GLU C 106 -13.32 -12.30 -7.18
N ILE C 107 -12.81 -12.80 -8.31
CA ILE C 107 -13.67 -13.48 -9.29
C ILE C 107 -14.24 -14.79 -8.75
N LYS C 108 -15.57 -14.88 -8.70
CA LYS C 108 -16.25 -16.08 -8.24
C LYS C 108 -16.48 -17.06 -9.39
N ARG C 109 -15.76 -18.18 -9.39
CA ARG C 109 -15.96 -19.19 -10.43
C ARG C 109 -16.51 -20.49 -9.88
N THR C 110 -16.67 -21.48 -10.74
CA THR C 110 -17.17 -22.76 -10.27
C THR C 110 -16.15 -23.39 -9.33
N VAL C 111 -16.67 -24.14 -8.36
CA VAL C 111 -15.85 -24.81 -7.38
C VAL C 111 -14.88 -25.73 -8.11
N ALA C 112 -13.62 -25.74 -7.67
CA ALA C 112 -12.62 -26.62 -8.26
C ALA C 112 -11.76 -27.27 -7.19
N ALA C 113 -11.61 -28.58 -7.30
CA ALA C 113 -10.83 -29.38 -6.36
C ALA C 113 -9.34 -29.22 -6.67
N PRO C 114 -8.50 -29.22 -5.61
CA PRO C 114 -7.06 -29.16 -5.84
C PRO C 114 -6.46 -30.53 -6.22
N SER C 115 -5.52 -30.52 -7.16
CA SER C 115 -4.60 -31.64 -7.34
C SER C 115 -3.58 -31.59 -6.21
N VAL C 116 -3.28 -32.73 -5.62
CA VAL C 116 -2.40 -32.74 -4.47
C VAL C 116 -1.15 -33.55 -4.73
N PHE C 117 -0.01 -32.95 -4.43
CA PHE C 117 1.29 -33.60 -4.61
C PHE C 117 2.09 -33.49 -3.30
N ILE C 118 2.93 -34.47 -3.02
CA ILE C 118 3.83 -34.38 -1.88
C ILE C 118 5.27 -34.59 -2.33
N PHE C 119 6.18 -33.78 -1.79
CA PHE C 119 7.60 -33.89 -2.13
C PHE C 119 8.47 -34.19 -0.92
N PRO C 120 9.26 -35.26 -1.00
CA PRO C 120 10.23 -35.57 0.05
C PRO C 120 11.44 -34.64 -0.05
N PRO C 121 12.18 -34.50 1.06
CA PRO C 121 13.44 -33.73 1.07
C PRO C 121 14.48 -34.30 0.09
N SER C 122 15.19 -33.41 -0.62
CA SER C 122 16.28 -33.84 -1.49
C SER C 122 17.43 -34.31 -0.62
N ASP C 123 18.24 -35.23 -1.14
CA ASP C 123 19.42 -35.70 -0.43
C ASP C 123 20.41 -34.56 -0.21
N GLU C 124 20.45 -33.63 -1.15
CA GLU C 124 21.30 -32.45 -1.04
C GLU C 124 20.90 -31.63 0.19
N GLN C 125 19.60 -31.49 0.43
CA GLN C 125 19.18 -30.70 1.57
C GLN C 125 19.58 -31.33 2.90
N LEU C 126 19.49 -32.66 2.99
CA LEU C 126 19.68 -33.33 4.28
C LEU C 126 21.05 -33.06 4.91
N LYS C 127 22.05 -32.81 4.08
CA LYS C 127 23.40 -32.46 4.55
C LYS C 127 23.46 -31.10 5.24
N SER C 128 22.36 -30.34 5.16
CA SER C 128 22.30 -29.04 5.81
C SER C 128 21.78 -29.19 7.23
N GLY C 129 21.28 -30.39 7.54
CA GLY C 129 20.79 -30.68 8.88
C GLY C 129 19.30 -30.55 9.07
N THR C 130 18.66 -29.85 8.14
CA THR C 130 17.21 -29.69 8.14
C THR C 130 16.58 -30.53 7.02
N ALA C 131 15.35 -30.99 7.24
CA ALA C 131 14.60 -31.61 6.15
C ALA C 131 13.32 -30.82 5.90
N SER C 132 13.10 -30.43 4.64
CA SER C 132 11.86 -29.76 4.26
C SER C 132 10.96 -30.72 3.50
N VAL C 133 9.78 -30.95 4.04
CA VAL C 133 8.75 -31.69 3.33
C VAL C 133 7.73 -30.72 2.75
N VAL C 134 7.49 -30.81 1.44
CA VAL C 134 6.57 -29.88 0.78
C VAL C 134 5.32 -30.57 0.23
N CYS C 135 4.19 -29.86 0.33
CA CYS C 135 2.89 -30.34 -0.13
C CYS C 135 2.19 -29.31 -1.01
N LEU C 136 2.07 -29.61 -2.30
CA LEU C 136 1.47 -28.65 -3.22
C LEU C 136 -0.03 -28.89 -3.41
N LEU C 137 -0.81 -27.83 -3.25
CA LEU C 137 -2.23 -27.84 -3.59
C LEU C 137 -2.41 -26.97 -4.82
N ASN C 138 -2.83 -27.59 -5.91
CA ASN C 138 -2.77 -26.93 -7.21
C ASN C 138 -4.11 -26.62 -7.84
N ASN C 139 -4.32 -25.34 -8.16
CA ASN C 139 -5.46 -24.88 -8.96
C ASN C 139 -6.83 -25.17 -8.38
N PHE C 140 -7.14 -24.63 -7.20
CA PHE C 140 -8.44 -24.87 -6.58
C PHE C 140 -9.22 -23.58 -6.39
N TYR C 141 -10.51 -23.73 -6.16
CA TYR C 141 -11.40 -22.64 -5.81
C TYR C 141 -12.58 -23.20 -5.00
N PRO C 142 -13.00 -22.53 -3.92
CA PRO C 142 -12.51 -21.24 -3.42
C PRO C 142 -11.19 -21.35 -2.65
N ARG C 143 -10.71 -20.19 -2.20
CA ARG C 143 -9.40 -20.06 -1.59
C ARG C 143 -9.24 -20.87 -0.31
N GLU C 144 -10.34 -21.05 0.42
CA GLU C 144 -10.27 -21.72 1.72
C GLU C 144 -9.90 -23.19 1.54
N ALA C 145 -8.70 -23.56 1.99
CA ALA C 145 -8.26 -24.97 1.94
C ALA C 145 -7.54 -25.36 3.22
N LYS C 146 -7.80 -26.56 3.73
CA LYS C 146 -7.15 -27.01 4.97
C LYS C 146 -6.03 -28.05 4.73
N VAL C 147 -4.91 -27.89 5.41
CA VAL C 147 -3.82 -28.86 5.32
C VAL C 147 -3.40 -29.34 6.70
N GLN C 148 -3.56 -30.63 6.96
CA GLN C 148 -3.00 -31.27 8.15
C GLN C 148 -1.72 -32.07 7.81
N TRP C 149 -0.72 -32.01 8.69
CA TRP C 149 0.49 -32.84 8.56
C TRP C 149 0.52 -34.00 9.57
N LYS C 150 0.84 -35.20 9.08
CA LYS C 150 0.99 -36.39 9.93
C LYS C 150 2.32 -37.08 9.70
N VAL C 151 3.13 -37.18 10.74
CA VAL C 151 4.32 -38.03 10.71
C VAL C 151 4.02 -39.31 11.49
N ASP C 152 4.08 -40.45 10.80
CA ASP C 152 3.64 -41.73 11.36
C ASP C 152 2.28 -41.59 12.07
N ASN C 153 1.33 -41.01 11.35
CA ASN C 153 -0.03 -40.77 11.84
C ASN C 153 -0.16 -39.97 13.14
N ALA C 154 0.87 -39.19 13.46
CA ALA C 154 0.78 -38.21 14.55
C ALA C 154 0.60 -36.78 13.98
N LEU C 155 -0.38 -36.05 14.51
CA LEU C 155 -0.63 -34.68 14.06
C LEU C 155 0.52 -33.72 14.41
N GLN C 156 0.78 -32.76 13.52
CA GLN C 156 1.84 -31.79 13.71
C GLN C 156 1.36 -30.39 14.11
N SER C 157 2.11 -29.72 14.97
CA SER C 157 1.84 -28.33 15.36
C SER C 157 3.13 -27.51 15.45
N GLY C 158 3.12 -26.32 14.88
CA GLY C 158 4.18 -25.35 15.08
C GLY C 158 5.43 -25.55 14.24
N ASN C 159 5.39 -26.52 13.34
CA ASN C 159 6.52 -26.78 12.45
C ASN C 159 6.11 -26.70 10.97
N SER C 160 4.97 -26.05 10.71
CA SER C 160 4.46 -25.84 9.35
C SER C 160 4.32 -24.39 8.96
N GLN C 161 4.54 -24.11 7.68
CA GLN C 161 4.23 -22.80 7.13
C GLN C 161 3.55 -22.96 5.79
N GLU C 162 2.61 -22.06 5.49
CA GLU C 162 1.87 -22.12 4.25
C GLU C 162 1.89 -20.80 3.48
N SER C 163 1.69 -20.91 2.18
CA SER C 163 1.78 -19.77 1.28
C SER C 163 0.76 -19.93 0.16
N VAL C 164 0.10 -18.84 -0.21
CA VAL C 164 -0.98 -18.89 -1.19
C VAL C 164 -0.72 -17.94 -2.36
N THR C 165 -0.92 -18.43 -3.58
CA THR C 165 -0.77 -17.56 -4.75
C THR C 165 -1.93 -16.57 -4.86
N GLU C 166 -1.72 -15.51 -5.62
CA GLU C 166 -2.78 -14.60 -6.01
C GLU C 166 -3.69 -15.35 -7.00
N GLN C 167 -4.93 -14.91 -7.12
CA GLN C 167 -5.87 -15.54 -8.04
C GLN C 167 -5.31 -15.54 -9.45
N ASP C 168 -5.42 -16.68 -10.14
CA ASP C 168 -4.76 -16.87 -11.42
C ASP C 168 -5.33 -15.97 -12.52
N SER C 169 -4.45 -15.54 -13.42
CA SER C 169 -4.83 -14.69 -14.55
C SER C 169 -5.82 -15.37 -15.48
N LYS C 170 -5.59 -16.63 -15.80
CA LYS C 170 -6.46 -17.34 -16.74
C LYS C 170 -7.59 -18.09 -16.02
N ASP C 171 -7.19 -19.03 -15.17
CA ASP C 171 -8.03 -19.94 -14.38
C ASP C 171 -9.03 -19.31 -13.40
N SER C 172 -8.63 -18.18 -12.79
CA SER C 172 -9.27 -17.63 -11.58
C SER C 172 -9.21 -18.58 -10.39
N THR C 173 -8.18 -19.43 -10.38
CA THR C 173 -7.98 -20.37 -9.27
C THR C 173 -6.86 -19.92 -8.33
N TYR C 174 -6.75 -20.62 -7.20
CA TYR C 174 -5.66 -20.40 -6.24
C TYR C 174 -4.79 -21.65 -6.13
N SER C 175 -3.54 -21.49 -5.70
CA SER C 175 -2.68 -22.61 -5.36
C SER C 175 -2.01 -22.37 -4.01
N LEU C 176 -1.58 -23.46 -3.39
CA LEU C 176 -1.04 -23.40 -2.03
C LEU C 176 0.14 -24.35 -1.84
N SER C 177 1.19 -23.87 -1.15
CA SER C 177 2.27 -24.76 -0.68
C SER C 177 2.29 -24.82 0.84
N SER C 178 2.55 -26.00 1.40
CA SER C 178 2.74 -26.14 2.84
C SER C 178 4.08 -26.79 3.10
N THR C 179 4.90 -26.19 3.95
CA THR C 179 6.23 -26.73 4.20
C THR C 179 6.36 -27.14 5.65
N LEU C 180 6.64 -28.43 5.83
CA LEU C 180 6.92 -29.01 7.12
C LEU C 180 8.43 -29.12 7.35
N THR C 181 8.96 -28.42 8.35
CA THR C 181 10.41 -28.44 8.54
C THR C 181 10.81 -29.23 9.81
N LEU C 182 11.86 -30.04 9.68
CA LEU C 182 12.33 -30.94 10.73
C LEU C 182 13.85 -31.04 10.75
N SER C 183 14.39 -31.49 11.90
CA SER C 183 15.78 -31.90 11.98
C SER C 183 16.01 -33.06 11.03
N LYS C 184 17.23 -33.20 10.52
CA LYS C 184 17.61 -34.45 9.87
C LYS C 184 17.47 -35.61 10.88
N ALA C 185 17.86 -35.36 12.12
CA ALA C 185 17.76 -36.39 13.14
C ALA C 185 16.31 -36.80 13.41
N ASP C 186 15.41 -35.83 13.54
CA ASP C 186 13.98 -36.11 13.73
C ASP C 186 13.37 -36.84 12.54
N TYR C 187 13.75 -36.42 11.33
CA TYR C 187 13.24 -36.97 10.08
C TYR C 187 13.57 -38.45 9.90
N GLU C 188 14.82 -38.82 10.23
CA GLU C 188 15.28 -40.19 10.02
C GLU C 188 14.78 -41.13 11.11
N LYS C 189 14.11 -40.58 12.11
CA LYS C 189 13.50 -41.36 13.18
C LYS C 189 12.14 -41.91 12.79
N HIS C 190 11.55 -41.41 11.71
CA HIS C 190 10.19 -41.79 11.37
C HIS C 190 10.08 -42.26 9.93
N LYS C 191 8.99 -42.97 9.64
CA LYS C 191 8.80 -43.68 8.38
C LYS C 191 7.79 -43.04 7.43
N VAL C 192 6.59 -42.77 7.92
CA VAL C 192 5.53 -42.26 7.05
C VAL C 192 5.30 -40.75 7.19
N TYR C 193 5.40 -40.07 6.06
CA TYR C 193 5.11 -38.66 5.99
C TYR C 193 3.85 -38.44 5.15
N ALA C 194 2.81 -37.93 5.79
CA ALA C 194 1.53 -37.75 5.13
C ALA C 194 1.02 -36.30 5.20
N CYS C 195 0.35 -35.90 4.14
CA CYS C 195 -0.24 -34.57 3.95
C CYS C 195 -1.74 -34.73 3.69
N GLU C 196 -2.58 -34.28 4.61
CA GLU C 196 -4.01 -34.50 4.45
C GLU C 196 -4.79 -33.21 4.11
N VAL C 197 -5.63 -33.29 3.08
CA VAL C 197 -6.27 -32.08 2.55
C VAL C 197 -7.80 -32.13 2.54
N THR C 198 -8.44 -31.11 3.13
CA THR C 198 -9.88 -30.93 2.95
C THR C 198 -10.22 -29.62 2.23
N HIS C 199 -11.26 -29.66 1.42
CA HIS C 199 -11.66 -28.51 0.61
C HIS C 199 -13.10 -28.74 0.14
N GLN C 200 -13.81 -27.66 -0.15
CA GLN C 200 -15.22 -27.73 -0.56
C GLN C 200 -15.42 -28.62 -1.78
N GLY C 201 -14.40 -28.68 -2.64
CA GLY C 201 -14.47 -29.43 -3.88
C GLY C 201 -14.11 -30.90 -3.75
N LEU C 202 -13.85 -31.35 -2.53
CA LEU C 202 -13.57 -32.76 -2.26
C LEU C 202 -14.71 -33.40 -1.45
N SER C 203 -15.14 -34.59 -1.87
CA SER C 203 -16.23 -35.27 -1.18
C SER C 203 -15.65 -36.28 -0.22
N SER C 204 -14.34 -36.47 -0.32
CA SER C 204 -13.59 -37.37 0.56
C SER C 204 -12.21 -36.78 0.72
N PRO C 205 -11.56 -37.02 1.87
CA PRO C 205 -10.27 -36.36 2.05
C PRO C 205 -9.18 -36.93 1.14
N VAL C 206 -8.36 -36.05 0.58
CA VAL C 206 -7.21 -36.49 -0.20
C VAL C 206 -5.95 -36.49 0.70
N THR C 207 -5.29 -37.64 0.76
CA THR C 207 -4.05 -37.80 1.49
C THR C 207 -2.97 -38.31 0.54
N LYS C 208 -1.90 -37.57 0.41
CA LYS C 208 -0.73 -38.07 -0.31
C LYS C 208 0.34 -38.40 0.74
N SER C 209 1.00 -39.55 0.58
CA SER C 209 2.02 -39.98 1.53
C SER C 209 3.25 -40.52 0.82
N PHE C 210 4.31 -40.74 1.59
CA PHE C 210 5.47 -41.48 1.09
C PHE C 210 6.16 -42.12 2.30
N ASN C 211 6.93 -43.17 2.05
CA ASN C 211 7.72 -43.81 3.10
C ASN C 211 9.18 -43.47 2.96
N ARG C 212 9.82 -43.09 4.05
CA ARG C 212 11.22 -42.67 3.98
C ARG C 212 12.12 -43.84 3.59
N GLY C 213 12.81 -43.68 2.47
CA GLY C 213 13.72 -44.71 2.00
C GLY C 213 13.15 -45.49 0.85
N GLU C 214 11.82 -45.50 0.77
CA GLU C 214 11.14 -46.19 -0.32
C GLU C 214 10.75 -45.22 -1.43
#